data_9M7M
#
_entry.id   9M7M
#
_cell.length_a   51.620
_cell.length_b   61.090
_cell.length_c   68.250
_cell.angle_alpha   90.00
_cell.angle_beta   90.00
_cell.angle_gamma   90.00
#
_symmetry.space_group_name_H-M   'P 2 21 21'
#
loop_
_entity.id
_entity.type
_entity.pdbx_description
1 polymer "Pseudouridine-5'-phosphatase"
2 non-polymer 'MAGNESIUM ION'
3 non-polymer 5-[(2~{S},3~{R},4~{S},5~{R})-5-(hydroxymethyl)-3,4-bis(oxidanyl)oxolan-2-yl]-1~{H}-pyrimidine-2,4-dione
4 water water
#
_entity_poly.entity_id   1
_entity_poly.type   'polypeptide(L)'
_entity_poly.pdbx_seq_one_letter_code
;APPQPVTHLIFDMDGLLLDTERLYSVVFQEICNRYDKKYSWDVKSLVMGKKALEAAQIIIDVLQLPMSKEELVEESQTKL
KEVFPTAALMPGAEKLIIHLRKHGIPFALATSSGSASFDMKTSRHKEFFSLFSHIVLGDDPEVQHGKPDPDIFLACAKRF
SPPPAMEKCLVFEDAPNGVEAALAAGMQVVMVPDGNLSRDLTTKATLVLNSLQDFQPELFGLPSYE
;
_entity_poly.pdbx_strand_id   A
#
loop_
_chem_comp.id
_chem_comp.type
_chem_comp.name
_chem_comp.formula
FJF non-polymer 5-[(2~{S},3~{R},4~{S},5~{R})-5-(hydroxymethyl)-3,4-bis(oxidanyl)oxolan-2-yl]-1~{H}-pyrimidine-2,4-dione 'C9 H12 N2 O6'
MG non-polymer 'MAGNESIUM ION' 'Mg 2'
#
# COMPACT_ATOMS: atom_id res chain seq x y z
N ALA A 1 -12.47 -15.75 -10.79
CA ALA A 1 -12.94 -14.89 -11.88
C ALA A 1 -11.77 -14.48 -12.78
N PRO A 2 -11.83 -14.81 -14.08
CA PRO A 2 -10.72 -14.48 -15.00
C PRO A 2 -10.46 -12.97 -15.04
N PRO A 3 -9.24 -12.57 -15.38
CA PRO A 3 -8.92 -11.15 -15.38
C PRO A 3 -9.61 -10.46 -16.54
N GLN A 4 -10.19 -9.31 -16.28
CA GLN A 4 -10.88 -8.50 -17.27
C GLN A 4 -10.09 -7.22 -17.53
N PRO A 5 -10.23 -6.65 -18.74
CA PRO A 5 -9.46 -5.47 -19.08
C PRO A 5 -9.78 -4.26 -18.18
N VAL A 6 -8.74 -3.43 -17.99
CA VAL A 6 -8.84 -2.23 -17.20
C VAL A 6 -8.30 -1.03 -17.94
N THR A 7 -8.66 0.16 -17.49
CA THR A 7 -8.15 1.39 -18.10
C THR A 7 -7.36 2.32 -17.17
N HIS A 8 -7.55 2.16 -15.87
CA HIS A 8 -6.91 3.00 -14.85
C HIS A 8 -6.31 2.13 -13.75
N LEU A 9 -5.10 2.47 -13.32
CA LEU A 9 -4.38 1.73 -12.29
C LEU A 9 -4.21 2.56 -11.03
N ILE A 10 -4.33 1.88 -9.89
CA ILE A 10 -4.17 2.53 -8.59
C ILE A 10 -3.13 1.73 -7.80
N PHE A 11 -2.08 2.36 -7.28
CA PHE A 11 -0.98 1.65 -6.59
C PHE A 11 -0.97 2.01 -5.13
N ASP A 12 -0.84 1.01 -4.29
CA ASP A 12 -0.38 1.22 -2.92
C ASP A 12 1.07 1.69 -2.95
N MET A 13 1.56 2.24 -1.85
CA MET A 13 2.95 2.63 -1.75
C MET A 13 3.75 1.67 -0.88
N ASP A 14 3.49 1.63 0.43
CA ASP A 14 4.34 0.90 1.34
C ASP A 14 4.29 -0.57 1.11
N GLY A 15 5.46 -1.18 0.93
CA GLY A 15 5.59 -2.60 0.73
C GLY A 15 5.32 -3.06 -0.67
N LEU A 16 4.82 -2.14 -1.50
CA LEU A 16 4.39 -2.46 -2.88
C LEU A 16 5.34 -1.71 -3.84
N LEU A 17 5.39 -0.41 -3.76
CA LEU A 17 6.34 0.37 -4.55
C LEU A 17 7.61 0.64 -3.80
N LEU A 18 7.56 0.82 -2.49
CA LEU A 18 8.77 1.04 -1.68
C LEU A 18 8.96 -0.03 -0.61
N ASP A 19 10.20 -0.31 -0.28
CA ASP A 19 10.57 -1.36 0.66
C ASP A 19 10.52 -0.87 2.08
N THR A 20 9.41 -0.22 2.46
CA THR A 20 9.30 0.38 3.76
C THR A 20 8.69 -0.50 4.83
N GLU A 21 8.05 -1.61 4.48
CA GLU A 21 7.46 -2.46 5.53
C GLU A 21 8.51 -3.08 6.47
N ARG A 22 9.72 -3.32 5.96
CA ARG A 22 10.76 -3.84 6.84
C ARG A 22 11.21 -2.77 7.85
N LEU A 23 11.09 -1.48 7.50
CA LEU A 23 11.40 -0.38 8.41
C LEU A 23 10.42 -0.34 9.55
N TYR A 24 9.11 -0.43 9.24
CA TYR A 24 8.11 -0.53 10.31
C TYR A 24 8.34 -1.72 11.19
N SER A 25 8.68 -2.86 10.58
CA SER A 25 8.85 -4.09 11.34
C SER A 25 9.95 -3.92 12.40
N VAL A 26 11.08 -3.41 11.98
CA VAL A 26 12.19 -3.22 12.93
C VAL A 26 11.83 -2.30 14.09
N VAL A 27 11.12 -1.22 13.83
CA VAL A 27 10.81 -0.26 14.89
C VAL A 27 9.76 -0.85 15.81
N PHE A 28 8.77 -1.53 15.23
CA PHE A 28 7.76 -2.16 16.09
C PHE A 28 8.30 -3.35 16.87
N GLN A 29 9.18 -4.14 16.27
CA GLN A 29 9.78 -5.27 16.99
C GLN A 29 10.57 -4.72 18.18
N GLU A 30 11.29 -3.64 17.97
CA GLU A 30 12.11 -3.10 19.05
C GLU A 30 11.23 -2.64 20.21
N ILE A 31 10.14 -1.95 19.89
CA ILE A 31 9.23 -1.49 20.91
C ILE A 31 8.54 -2.66 21.62
N CYS A 32 8.10 -3.66 20.84
CA CYS A 32 7.38 -4.81 21.41
C CYS A 32 8.28 -5.64 22.31
N ASN A 33 9.55 -5.74 21.93
CA ASN A 33 10.50 -6.58 22.63
C ASN A 33 10.70 -6.15 24.07
N ARG A 34 10.56 -4.85 24.36
CA ARG A 34 10.87 -4.37 25.70
C ARG A 34 9.78 -4.79 26.64
N TYR A 35 8.68 -5.25 26.05
CA TYR A 35 7.56 -5.77 26.80
C TYR A 35 7.47 -7.27 26.65
N ASP A 36 8.54 -7.88 26.17
CA ASP A 36 8.60 -9.33 25.96
C ASP A 36 7.51 -9.86 25.03
N LYS A 37 7.10 -9.03 24.07
CA LYS A 37 6.14 -9.44 23.06
C LYS A 37 6.82 -9.47 21.70
N LYS A 38 6.34 -10.31 20.81
CA LYS A 38 6.90 -10.47 19.48
C LYS A 38 6.01 -9.85 18.40
N TYR A 39 6.56 -8.90 17.64
CA TYR A 39 5.86 -8.27 16.53
C TYR A 39 5.92 -9.26 15.35
N SER A 40 4.95 -10.17 15.28
CA SER A 40 5.05 -11.26 14.33
C SER A 40 4.25 -10.99 13.08
N TRP A 41 4.40 -11.86 12.10
CA TRP A 41 3.64 -11.74 10.88
C TRP A 41 2.13 -11.77 11.09
N ASP A 42 1.62 -12.49 12.07
CA ASP A 42 0.20 -12.46 12.30
C ASP A 42 -0.32 -11.06 12.64
N VAL A 43 0.39 -10.37 13.54
CA VAL A 43 0.10 -9.00 13.90
C VAL A 43 0.30 -8.06 12.71
N LYS A 44 1.43 -8.18 12.00
CA LYS A 44 1.68 -7.29 10.88
C LYS A 44 0.59 -7.36 9.85
N SER A 45 0.05 -8.58 9.61
CA SER A 45 -1.00 -8.76 8.63
C SER A 45 -2.26 -7.99 8.96
N LEU A 46 -2.48 -7.68 10.20
CA LEU A 46 -3.66 -7.01 10.65
C LEU A 46 -3.54 -5.54 10.41
N VAL A 47 -2.34 -4.98 10.34
CA VAL A 47 -2.18 -3.52 10.40
C VAL A 47 -1.63 -2.88 9.10
N MET A 48 -1.00 -3.66 8.25
CA MET A 48 -0.58 -3.06 6.94
C MET A 48 -1.78 -2.50 6.23
N GLY A 49 -1.70 -1.27 5.80
CA GLY A 49 -2.80 -0.62 5.10
C GLY A 49 -3.70 0.25 5.98
N LYS A 50 -3.52 0.15 7.29
CA LYS A 50 -4.25 0.98 8.24
C LYS A 50 -3.54 2.32 8.40
N LYS A 51 -4.28 3.31 8.82
CA LYS A 51 -3.70 4.60 9.16
C LYS A 51 -2.89 4.37 10.45
N ALA A 52 -1.95 5.26 10.74
CA ALA A 52 -0.97 5.02 11.82
C ALA A 52 -1.63 4.82 13.17
N LEU A 53 -2.59 5.67 13.52
CA LEU A 53 -3.27 5.55 14.78
C LEU A 53 -4.09 4.25 14.87
N GLU A 54 -4.69 3.84 13.75
CA GLU A 54 -5.47 2.61 13.69
C GLU A 54 -4.57 1.40 13.92
N ALA A 55 -3.44 1.40 13.22
CA ALA A 55 -2.45 0.34 13.35
C ALA A 55 -1.97 0.24 14.78
N ALA A 56 -1.61 1.38 15.38
CA ALA A 56 -1.12 1.42 16.74
C ALA A 56 -2.10 0.81 17.74
N GLN A 57 -3.37 1.15 17.60
CA GLN A 57 -4.36 0.63 18.50
C GLN A 57 -4.50 -0.90 18.37
N ILE A 58 -4.44 -1.40 17.14
CA ILE A 58 -4.48 -2.84 16.95
C ILE A 58 -3.30 -3.56 17.55
N ILE A 59 -2.09 -3.02 17.34
CA ILE A 59 -0.87 -3.60 17.93
C ILE A 59 -1.02 -3.69 19.46
N ILE A 60 -1.50 -2.60 20.01
CA ILE A 60 -1.67 -2.48 21.46
C ILE A 60 -2.66 -3.51 21.97
N ASP A 61 -3.81 -3.62 21.31
CA ASP A 61 -4.86 -4.57 21.74
C ASP A 61 -4.44 -6.03 21.57
N VAL A 62 -3.87 -6.35 20.41
CA VAL A 62 -3.46 -7.73 20.16
C VAL A 62 -2.29 -8.21 21.04
N LEU A 63 -1.30 -7.34 21.23
CA LEU A 63 -0.11 -7.66 22.02
C LEU A 63 -0.20 -7.20 23.50
N GLN A 64 -1.29 -6.52 23.85
CA GLN A 64 -1.51 -6.01 25.20
C GLN A 64 -0.34 -5.16 25.68
N LEU A 65 0.03 -4.19 24.87
CA LEU A 65 1.08 -3.26 25.22
C LEU A 65 0.53 -2.21 26.15
N PRO A 66 1.35 -1.77 27.12
CA PRO A 66 0.89 -0.85 28.17
C PRO A 66 1.01 0.62 27.76
N MET A 67 0.55 0.95 26.56
CA MET A 67 0.62 2.33 26.04
C MET A 67 -0.65 2.75 25.32
N SER A 68 -0.77 4.04 25.03
CA SER A 68 -1.87 4.54 24.22
C SER A 68 -1.44 4.56 22.76
N LYS A 69 -2.42 4.63 21.86
CA LYS A 69 -2.11 4.66 20.47
C LYS A 69 -1.34 5.92 20.10
N GLU A 70 -1.66 7.03 20.76
CA GLU A 70 -0.95 8.28 20.48
C GLU A 70 0.51 8.17 20.89
N GLU A 71 0.75 7.53 22.02
CA GLU A 71 2.13 7.31 22.48
C GLU A 71 2.92 6.41 21.56
N LEU A 72 2.27 5.36 21.04
CA LEU A 72 2.95 4.42 20.15
C LEU A 72 3.21 5.06 18.80
N VAL A 73 2.26 5.84 18.30
CA VAL A 73 2.51 6.57 17.06
C VAL A 73 3.65 7.58 17.24
N GLU A 74 3.64 8.37 18.33
CA GLU A 74 4.69 9.36 18.50
C GLU A 74 6.05 8.71 18.57
N GLU A 75 6.19 7.68 19.40
CA GLU A 75 7.49 7.05 19.56
C GLU A 75 7.95 6.41 18.25
N SER A 76 7.04 5.68 17.60
CA SER A 76 7.43 4.94 16.40
C SER A 76 7.77 5.90 15.27
N GLN A 77 6.99 6.97 15.09
CA GLN A 77 7.26 7.96 14.04
C GLN A 77 8.60 8.64 14.30
N THR A 78 8.93 8.87 15.56
CA THR A 78 10.17 9.55 15.87
C THR A 78 11.35 8.71 15.39
N LYS A 79 11.25 7.40 15.57
CA LYS A 79 12.26 6.47 15.14
C LYS A 79 12.24 6.28 13.64
N LEU A 80 11.06 6.21 13.04
CA LEU A 80 10.95 5.95 11.62
C LEU A 80 11.47 7.13 10.78
N LYS A 81 11.45 8.34 11.36
CA LYS A 81 11.82 9.53 10.60
C LYS A 81 13.28 9.45 10.17
N GLU A 82 14.06 8.72 10.95
CA GLU A 82 15.48 8.60 10.70
C GLU A 82 15.75 7.64 9.57
N VAL A 83 14.81 6.74 9.30
CA VAL A 83 15.08 5.71 8.29
C VAL A 83 14.17 5.78 7.06
N PHE A 84 13.02 6.42 7.14
CA PHE A 84 12.13 6.49 6.01
C PHE A 84 12.76 7.06 4.72
N PRO A 85 13.64 8.08 4.84
CA PRO A 85 14.22 8.61 3.61
C PRO A 85 15.09 7.64 2.82
N THR A 86 15.50 6.53 3.43
CA THR A 86 16.31 5.50 2.81
C THR A 86 15.49 4.47 2.06
N ALA A 87 14.17 4.67 2.01
CA ALA A 87 13.25 3.74 1.32
C ALA A 87 13.77 3.50 -0.11
N ALA A 88 13.81 2.24 -0.55
CA ALA A 88 14.19 1.90 -1.92
C ALA A 88 12.99 1.42 -2.75
N LEU A 89 13.03 1.65 -4.03
CA LEU A 89 12.03 1.19 -4.94
C LEU A 89 12.06 -0.30 -5.07
N MET A 90 10.87 -0.90 -5.06
CA MET A 90 10.74 -2.34 -5.14
C MET A 90 11.05 -2.85 -6.56
N PRO A 91 11.46 -4.13 -6.67
CA PRO A 91 11.72 -4.68 -8.00
C PRO A 91 10.54 -4.62 -8.94
N GLY A 92 10.78 -4.22 -10.18
CA GLY A 92 9.72 -4.06 -11.15
C GLY A 92 8.94 -2.78 -11.12
N ALA A 93 9.05 -1.99 -10.05
CA ALA A 93 8.22 -0.80 -9.93
C ALA A 93 8.50 0.23 -11.02
N GLU A 94 9.77 0.57 -11.19
CA GLU A 94 10.16 1.55 -12.19
C GLU A 94 9.78 1.11 -13.61
N LYS A 95 10.04 -0.15 -13.93
CA LYS A 95 9.74 -0.68 -15.25
C LYS A 95 8.27 -0.53 -15.57
N LEU A 96 7.42 -0.92 -14.63
CA LEU A 96 5.99 -0.87 -14.85
C LEU A 96 5.49 0.58 -15.00
N ILE A 97 5.89 1.44 -14.07
CA ILE A 97 5.43 2.84 -14.06
C ILE A 97 5.84 3.58 -15.35
N ILE A 98 7.06 3.38 -15.79
CA ILE A 98 7.54 4.05 -17.00
C ILE A 98 6.77 3.55 -18.23
N HIS A 99 6.52 2.24 -18.30
CA HIS A 99 5.68 1.63 -19.34
C HIS A 99 4.26 2.24 -19.42
N LEU A 100 3.58 2.32 -18.28
CA LEU A 100 2.28 2.96 -18.23
C LEU A 100 2.28 4.40 -18.73
N ARG A 101 3.27 5.16 -18.31
CA ARG A 101 3.34 6.59 -18.65
C ARG A 101 3.54 6.74 -20.16
N LYS A 102 4.37 5.87 -20.71
CA LYS A 102 4.69 5.89 -22.12
C LYS A 102 3.47 5.59 -22.99
N HIS A 103 2.60 4.70 -22.53
CA HIS A 103 1.41 4.34 -23.27
C HIS A 103 0.18 5.13 -22.83
N GLY A 104 0.41 6.15 -22.03
CA GLY A 104 -0.65 7.04 -21.60
C GLY A 104 -1.74 6.39 -20.77
N ILE A 105 -1.36 5.37 -20.01
CA ILE A 105 -2.32 4.68 -19.14
C ILE A 105 -2.36 5.47 -17.83
N PRO A 106 -3.50 6.03 -17.47
CA PRO A 106 -3.57 6.78 -16.22
C PRO A 106 -3.33 5.90 -15.02
N PHE A 107 -2.62 6.44 -14.03
CA PHE A 107 -2.44 5.73 -12.80
C PHE A 107 -2.20 6.68 -11.66
N ALA A 108 -2.46 6.21 -10.46
CA ALA A 108 -2.46 7.06 -9.30
C ALA A 108 -2.01 6.29 -8.06
N LEU A 109 -1.75 6.99 -6.96
CA LEU A 109 -1.27 6.38 -5.72
C LEU A 109 -2.31 6.58 -4.63
N ALA A 110 -2.55 5.54 -3.80
CA ALA A 110 -3.55 5.55 -2.75
C ALA A 110 -2.90 4.83 -1.57
N THR A 111 -2.43 5.62 -0.61
CA THR A 111 -1.64 5.18 0.50
C THR A 111 -2.23 5.69 1.80
N SER A 112 -2.28 4.86 2.82
CA SER A 112 -2.79 5.29 4.12
C SER A 112 -1.79 6.12 4.91
N SER A 113 -0.60 6.26 4.36
CA SER A 113 0.46 7.08 4.98
C SER A 113 -0.03 8.52 5.09
N GLY A 114 0.35 9.22 6.17
CA GLY A 114 0.06 10.64 6.26
C GLY A 114 1.05 11.51 5.49
N SER A 115 0.80 12.81 5.49
CA SER A 115 1.60 13.74 4.70
C SER A 115 3.08 13.74 5.03
N ALA A 116 3.42 13.77 6.30
CA ALA A 116 4.84 13.88 6.66
C ALA A 116 5.57 12.62 6.32
N SER A 117 4.93 11.52 6.65
CA SER A 117 5.48 10.21 6.35
C SER A 117 5.71 10.04 4.83
N PHE A 118 4.72 10.40 4.05
CA PHE A 118 4.87 10.35 2.59
C PHE A 118 6.03 11.23 2.12
N ASP A 119 6.09 12.47 2.60
N ASP A 119 6.09 12.46 2.62
CA ASP A 119 7.18 13.37 2.23
CA ASP A 119 7.16 13.35 2.20
C ASP A 119 8.52 12.72 2.51
C ASP A 119 8.53 12.75 2.52
N MET A 120 8.69 12.16 3.70
CA MET A 120 9.98 11.52 4.05
C MET A 120 10.30 10.35 3.15
N LYS A 121 9.32 9.52 2.89
CA LYS A 121 9.57 8.29 2.18
C LYS A 121 9.92 8.54 0.72
N THR A 122 9.41 9.62 0.14
CA THR A 122 9.51 9.89 -1.29
C THR A 122 10.50 11.00 -1.61
N SER A 123 11.15 11.53 -0.57
CA SER A 123 12.05 12.67 -0.64
C SER A 123 13.19 12.43 -1.62
N ARG A 124 13.63 11.21 -1.72
CA ARG A 124 14.73 10.83 -2.58
C ARG A 124 14.33 10.03 -3.84
N HIS A 125 13.05 10.03 -4.16
CA HIS A 125 12.53 9.39 -5.34
C HIS A 125 11.53 10.30 -6.04
N LYS A 126 11.83 11.58 -6.08
CA LYS A 126 10.84 12.51 -6.56
C LYS A 126 10.50 12.32 -8.06
N GLU A 127 11.46 11.84 -8.83
CA GLU A 127 11.26 11.66 -10.26
C GLU A 127 10.28 10.52 -10.53
N PHE A 128 10.26 9.51 -9.66
CA PHE A 128 9.35 8.40 -9.78
C PHE A 128 7.95 8.85 -9.39
N PHE A 129 7.82 9.50 -8.24
CA PHE A 129 6.51 9.90 -7.74
C PHE A 129 5.87 11.03 -8.59
N SER A 130 6.66 11.76 -9.38
CA SER A 130 6.12 12.82 -10.22
C SER A 130 5.31 12.23 -11.40
N LEU A 131 5.51 10.95 -11.72
CA LEU A 131 4.82 10.36 -12.87
C LEU A 131 3.38 9.94 -12.59
N PHE A 132 2.98 9.96 -11.32
CA PHE A 132 1.61 9.57 -10.97
C PHE A 132 0.65 10.69 -11.31
N SER A 133 -0.53 10.33 -11.80
CA SER A 133 -1.53 11.33 -12.16
C SER A 133 -2.00 12.14 -10.95
N HIS A 134 -2.13 11.50 -9.79
CA HIS A 134 -2.50 12.17 -8.54
C HIS A 134 -2.24 11.19 -7.38
N ILE A 135 -2.33 11.68 -6.15
CA ILE A 135 -2.00 10.90 -4.94
C ILE A 135 -3.07 11.16 -3.89
N VAL A 136 -3.56 10.11 -3.27
CA VAL A 136 -4.41 10.22 -2.11
C VAL A 136 -3.71 9.64 -0.90
N LEU A 137 -3.65 10.42 0.17
CA LEU A 137 -3.00 10.02 1.41
C LEU A 137 -4.01 9.71 2.48
N GLY A 138 -3.54 9.14 3.58
CA GLY A 138 -4.43 8.68 4.62
C GLY A 138 -4.99 9.80 5.46
N ASP A 139 -4.33 10.95 5.45
CA ASP A 139 -4.88 12.13 6.12
C ASP A 139 -5.77 13.00 5.21
N ASP A 140 -6.13 12.50 4.04
CA ASP A 140 -7.00 13.21 3.13
C ASP A 140 -8.36 13.34 3.83
N PRO A 141 -9.00 14.53 3.73
CA PRO A 141 -10.26 14.75 4.43
C PRO A 141 -11.39 13.81 4.03
N GLU A 142 -11.28 13.24 2.83
CA GLU A 142 -12.26 12.30 2.32
C GLU A 142 -12.12 10.86 2.82
N VAL A 143 -11.00 10.51 3.45
CA VAL A 143 -10.68 9.16 3.96
C VAL A 143 -10.87 8.99 5.46
N GLN A 144 -12.01 8.46 5.87
CA GLN A 144 -12.34 8.34 7.28
C GLN A 144 -11.61 7.19 8.00
N HIS A 145 -11.34 6.08 7.30
CA HIS A 145 -10.66 4.94 7.89
C HIS A 145 -9.68 4.37 6.89
N GLY A 146 -8.68 3.69 7.41
CA GLY A 146 -7.72 3.00 6.57
C GLY A 146 -8.29 1.79 5.89
N LYS A 147 -7.49 1.17 5.06
CA LYS A 147 -7.89 -0.10 4.45
C LYS A 147 -8.15 -1.10 5.62
N PRO A 148 -9.19 -1.97 5.56
CA PRO A 148 -9.92 -2.38 4.37
C PRO A 148 -11.14 -1.57 4.01
N ASP A 149 -11.35 -0.40 4.60
CA ASP A 149 -12.42 0.47 4.16
C ASP A 149 -12.05 0.89 2.73
N PRO A 150 -13.00 0.86 1.77
CA PRO A 150 -12.70 1.21 0.37
C PRO A 150 -12.54 2.69 0.10
N ASP A 151 -12.84 3.53 1.09
CA ASP A 151 -12.80 5.02 0.96
C ASP A 151 -11.64 5.48 0.10
N ILE A 152 -10.42 5.06 0.45
CA ILE A 152 -9.24 5.63 -0.18
C ILE A 152 -9.14 5.30 -1.65
N PHE A 153 -9.57 4.08 -2.03
CA PHE A 153 -9.54 3.71 -3.45
C PHE A 153 -10.68 4.36 -4.23
N LEU A 154 -11.85 4.42 -3.66
CA LEU A 154 -12.94 5.17 -4.28
C LEU A 154 -12.63 6.64 -4.49
N ALA A 155 -12.08 7.29 -3.47
CA ALA A 155 -11.63 8.69 -3.63
C ALA A 155 -10.59 8.80 -4.75
N CYS A 156 -9.64 7.88 -4.78
CA CYS A 156 -8.61 7.90 -5.78
C CYS A 156 -9.19 7.79 -7.18
N ALA A 157 -10.08 6.84 -7.41
CA ALA A 157 -10.68 6.65 -8.75
C ALA A 157 -11.51 7.88 -9.17
N LYS A 158 -12.23 8.48 -8.23
CA LYS A 158 -13.08 9.64 -8.56
C LYS A 158 -12.30 10.90 -8.93
N ARG A 159 -10.99 10.88 -8.80
CA ARG A 159 -10.18 12.09 -9.07
C ARG A 159 -9.50 12.00 -10.42
N PHE A 160 -9.62 10.90 -11.14
CA PHE A 160 -9.18 10.84 -12.53
C PHE A 160 -10.15 11.67 -13.36
N SER A 161 -9.66 12.17 -14.49
CA SER A 161 -10.42 13.06 -15.38
C SER A 161 -10.39 12.56 -16.83
N PRO A 162 -11.51 12.02 -17.33
CA PRO A 162 -12.77 11.78 -16.61
C PRO A 162 -12.72 10.53 -15.72
N PRO A 163 -13.63 10.42 -14.75
CA PRO A 163 -13.54 9.31 -13.80
C PRO A 163 -14.03 7.99 -14.37
N PRO A 164 -13.23 6.91 -14.25
CA PRO A 164 -13.66 5.61 -14.74
C PRO A 164 -14.70 4.95 -13.85
N ALA A 165 -15.41 3.97 -14.39
CA ALA A 165 -16.17 3.06 -13.57
C ALA A 165 -15.18 2.30 -12.70
N MET A 166 -15.59 1.99 -11.49
CA MET A 166 -14.68 1.33 -10.57
C MET A 166 -14.23 -0.01 -11.13
N GLU A 167 -15.11 -0.68 -11.85
CA GLU A 167 -14.78 -1.97 -12.39
C GLU A 167 -13.71 -1.92 -13.48
N LYS A 168 -13.35 -0.73 -13.95
CA LYS A 168 -12.25 -0.61 -14.92
C LYS A 168 -10.94 -0.17 -14.27
N CYS A 169 -10.93 -0.17 -12.94
CA CYS A 169 -9.74 0.17 -12.18
C CYS A 169 -9.07 -1.09 -11.66
N LEU A 170 -7.75 -1.10 -11.70
CA LEU A 170 -6.92 -2.18 -11.17
C LEU A 170 -6.05 -1.68 -10.07
N VAL A 171 -6.17 -2.26 -8.90
CA VAL A 171 -5.32 -1.93 -7.74
C VAL A 171 -4.15 -2.88 -7.69
N PHE A 172 -3.00 -2.36 -7.27
CA PHE A 172 -1.83 -3.15 -6.90
C PHE A 172 -1.57 -2.97 -5.39
N GLU A 173 -1.46 -4.07 -4.66
CA GLU A 173 -1.37 -4.10 -3.20
C GLU A 173 -0.44 -5.18 -2.73
N ASP A 174 0.21 -4.93 -1.61
CA ASP A 174 0.97 -5.98 -0.92
C ASP A 174 0.23 -6.53 0.29
N ALA A 175 -0.83 -5.87 0.76
CA ALA A 175 -1.41 -6.16 2.09
C ALA A 175 -2.82 -6.75 1.92
N PRO A 176 -3.20 -7.63 2.86
CA PRO A 176 -4.56 -8.17 2.82
C PRO A 176 -5.61 -7.09 3.00
N ASN A 177 -5.35 -6.16 3.92
CA ASN A 177 -6.35 -5.11 4.11
C ASN A 177 -6.56 -4.35 2.81
N GLY A 178 -5.50 -4.15 2.03
CA GLY A 178 -5.62 -3.49 0.79
C GLY A 178 -6.33 -4.28 -0.28
N VAL A 179 -6.14 -5.59 -0.35
CA VAL A 179 -6.89 -6.44 -1.28
C VAL A 179 -8.37 -6.31 -0.92
N GLU A 180 -8.71 -6.39 0.37
CA GLU A 180 -10.11 -6.33 0.78
C GLU A 180 -10.73 -4.96 0.42
N ALA A 181 -9.97 -3.89 0.57
CA ALA A 181 -10.48 -2.59 0.21
C ALA A 181 -10.74 -2.44 -1.25
N ALA A 182 -9.88 -3.02 -2.05
CA ALA A 182 -10.07 -3.04 -3.52
C ALA A 182 -11.32 -3.86 -3.89
N LEU A 183 -11.50 -5.03 -3.33
CA LEU A 183 -12.70 -5.81 -3.61
C LEU A 183 -13.94 -5.07 -3.14
N ALA A 184 -13.87 -4.46 -1.98
CA ALA A 184 -15.02 -3.71 -1.49
C ALA A 184 -15.37 -2.50 -2.35
N ALA A 185 -14.36 -1.96 -3.03
CA ALA A 185 -14.55 -0.86 -3.95
C ALA A 185 -15.07 -1.34 -5.31
N GLY A 186 -15.15 -2.64 -5.51
CA GLY A 186 -15.57 -3.22 -6.79
C GLY A 186 -14.53 -3.25 -7.88
N MET A 187 -13.26 -3.27 -7.44
CA MET A 187 -12.12 -3.18 -8.34
C MET A 187 -11.40 -4.52 -8.42
N GLN A 188 -10.73 -4.82 -9.53
CA GLN A 188 -9.83 -5.96 -9.53
C GLN A 188 -8.52 -5.55 -8.77
N VAL A 189 -7.76 -6.53 -8.36
CA VAL A 189 -6.57 -6.31 -7.56
C VAL A 189 -5.51 -7.37 -7.84
N VAL A 190 -4.30 -6.85 -8.12
CA VAL A 190 -3.09 -7.64 -8.13
C VAL A 190 -2.41 -7.55 -6.78
N MET A 191 -2.20 -8.68 -6.12
CA MET A 191 -1.48 -8.70 -4.84
C MET A 191 -0.06 -9.14 -5.11
N VAL A 192 0.89 -8.46 -4.48
CA VAL A 192 2.31 -8.91 -4.48
C VAL A 192 2.75 -9.07 -3.01
N PRO A 193 2.30 -10.16 -2.38
CA PRO A 193 2.49 -10.28 -0.93
C PRO A 193 3.87 -10.77 -0.57
N ASP A 194 4.26 -10.43 0.61
CA ASP A 194 5.37 -11.12 1.26
C ASP A 194 4.94 -12.58 1.43
N GLY A 195 5.84 -13.50 1.16
CA GLY A 195 5.60 -14.95 1.30
C GLY A 195 5.31 -15.42 2.70
N ASN A 196 5.62 -14.64 3.71
CA ASN A 196 5.27 -15.00 5.06
C ASN A 196 3.81 -14.82 5.42
N LEU A 197 3.07 -14.07 4.64
CA LEU A 197 1.63 -13.95 4.87
C LEU A 197 0.94 -15.26 4.69
N SER A 198 -0.13 -15.48 5.45
CA SER A 198 -0.81 -16.80 5.38
C SER A 198 -1.48 -17.02 4.04
N ARG A 199 -1.67 -18.28 3.77
CA ARG A 199 -2.47 -18.71 2.66
C ARG A 199 -3.88 -18.03 2.64
N ASP A 200 -4.58 -18.07 3.75
CA ASP A 200 -5.90 -17.43 3.77
C ASP A 200 -5.87 -15.96 3.37
N LEU A 201 -4.80 -15.26 3.75
CA LEU A 201 -4.64 -13.83 3.48
C LEU A 201 -4.06 -13.55 2.13
N THR A 202 -3.75 -14.55 1.31
CA THR A 202 -3.11 -14.35 0.01
C THR A 202 -3.84 -15.07 -1.13
N THR A 203 -5.08 -15.44 -0.91
CA THR A 203 -5.86 -16.20 -1.88
C THR A 203 -7.15 -15.47 -2.25
N LYS A 204 -7.26 -14.16 -1.98
CA LYS A 204 -8.49 -13.42 -2.29
C LYS A 204 -8.40 -12.51 -3.52
N ALA A 205 -7.18 -12.21 -3.98
CA ALA A 205 -6.99 -11.19 -5.01
C ALA A 205 -7.27 -11.76 -6.37
N THR A 206 -7.42 -10.91 -7.35
CA THR A 206 -7.65 -11.34 -8.74
C THR A 206 -6.46 -12.14 -9.26
N LEU A 207 -5.28 -11.71 -8.90
CA LEU A 207 -4.02 -12.30 -9.33
C LEU A 207 -3.02 -12.12 -8.20
N VAL A 208 -2.25 -13.14 -7.90
CA VAL A 208 -1.24 -13.06 -6.84
C VAL A 208 0.13 -13.38 -7.42
N LEU A 209 1.09 -12.49 -7.22
CA LEU A 209 2.43 -12.60 -7.82
C LEU A 209 3.50 -12.54 -6.78
N ASN A 210 4.65 -13.12 -7.08
CA ASN A 210 5.80 -13.02 -6.20
C ASN A 210 6.53 -11.71 -6.33
N SER A 211 6.39 -11.03 -7.46
CA SER A 211 7.09 -9.80 -7.70
C SER A 211 6.37 -9.00 -8.74
N LEU A 212 6.50 -7.69 -8.70
CA LEU A 212 5.99 -6.86 -9.81
C LEU A 212 6.64 -7.20 -11.14
N GLN A 213 7.86 -7.76 -11.11
CA GLN A 213 8.55 -8.20 -12.30
C GLN A 213 7.77 -9.24 -13.10
N ASP A 214 6.88 -9.96 -12.44
CA ASP A 214 6.13 -11.04 -13.07
C ASP A 214 4.78 -10.58 -13.62
N PHE A 215 4.43 -9.30 -13.44
CA PHE A 215 3.17 -8.79 -13.94
C PHE A 215 3.22 -8.70 -15.46
N GLN A 216 2.19 -9.24 -16.10
CA GLN A 216 2.08 -9.23 -17.56
C GLN A 216 0.92 -8.33 -17.91
N PRO A 217 1.18 -7.08 -18.30
CA PRO A 217 0.12 -6.10 -18.49
C PRO A 217 -0.99 -6.54 -19.45
N GLU A 218 -0.64 -7.38 -20.42
CA GLU A 218 -1.58 -7.84 -21.44
C GLU A 218 -2.68 -8.67 -20.84
N LEU A 219 -2.45 -9.28 -19.68
CA LEU A 219 -3.49 -10.07 -19.05
C LEU A 219 -4.70 -9.21 -18.72
N PHE A 220 -4.45 -7.92 -18.53
CA PHE A 220 -5.51 -6.97 -18.24
C PHE A 220 -5.80 -6.02 -19.42
N GLY A 221 -5.44 -6.46 -20.63
CA GLY A 221 -5.76 -5.70 -21.82
C GLY A 221 -4.91 -4.48 -22.01
N LEU A 222 -3.75 -4.44 -21.35
CA LEU A 222 -2.82 -3.33 -21.51
C LEU A 222 -1.71 -3.72 -22.48
N PRO A 223 -1.02 -2.71 -23.04
CA PRO A 223 0.10 -2.98 -23.94
C PRO A 223 1.13 -3.89 -23.31
N SER A 224 1.63 -4.87 -24.05
CA SER A 224 2.74 -5.69 -23.58
C SER A 224 4.01 -4.87 -23.49
N TYR A 225 4.98 -5.41 -22.75
CA TYR A 225 6.29 -4.83 -22.65
C TYR A 225 7.00 -4.99 -23.99
N GLU A 226 7.66 -3.94 -24.46
CA GLU A 226 8.40 -3.96 -25.72
C GLU A 226 9.79 -4.56 -25.53
MG MG B . 1.21 -1.65 1.45
O01 FJF C . 4.23 -3.09 10.24
C02 FJF C . 3.49 -2.16 9.94
N03 FJF C . 3.21 -1.80 8.59
C04 FJF C . 2.32 -0.79 8.20
C05 FJF C . 1.62 0.01 9.18
C06 FJF C . 1.88 -0.32 10.56
O07 FJF C . 1.35 0.32 11.43
N08 FJF C . 2.78 -1.37 10.92
C09 FJF C . 0.66 1.03 8.84
O10 FJF C . 0.06 0.89 7.55
C11 FJF C . 0.46 1.98 6.67
C12 FJF C . 1.16 1.36 5.48
O13 FJF C . 0.99 -0.08 5.46
C14 FJF C . 1.35 2.90 7.53
O15 FJF C . 1.09 4.29 7.31
C16 FJF C . 1.08 2.49 8.98
O17 FJF C . -0.03 3.21 9.49
#